data_6KK8
#
_entry.id   6KK8
#
_cell.length_a   133.396
_cell.length_b   133.396
_cell.length_c   133.396
_cell.angle_alpha   90.00
_cell.angle_beta   90.00
_cell.angle_gamma   90.00
#
_symmetry.space_group_name_H-M   'P 21 3'
#
loop_
_entity.id
_entity.type
_entity.pdbx_description
1 polymer Pseudocatalase
2 non-polymer 'MANGANESE (III) ION'
3 non-polymer 'OXYGEN ATOM'
4 non-polymer 1,2-ETHANEDIOL
5 non-polymer 'SULFATE ION'
6 water water
#
_entity_poly.entity_id   1
_entity_poly.type   'polypeptide(L)'
_entity_poly.pdbx_seq_one_letter_code
;MFLRIDRLQIELPMPKEQDPNAAAAVQALLGGRFGEMSTLMNYMYQSFNFRGKKALKPYYDLIANIATEELGHIELVAAT
INSLLAKNPGKDLEEGVDPASTPLGFAKDVRNAAHFIAGGANSLVMGAMGEHWNGEYVFTSGNLILDLLHNFFLEVAART
HKLRVYEMTDNPVAREMIGYLLVRGGVHAAAYGKALESLTGVEMTKMLPIPKIDNSKIPEAKKYMDLGFHRNLYRFSPED
YRDLGLIWKGASPEDGTEVVVVDGPPTGGPVFDAGHDAAEFAPEFHPGELYEIAKKLYEKAK
;
_entity_poly.pdbx_strand_id   A,B
#
loop_
_chem_comp.id
_chem_comp.type
_chem_comp.name
_chem_comp.formula
EDO non-polymer 1,2-ETHANEDIOL 'C2 H6 O2'
MN3 non-polymer 'MANGANESE (III) ION' 'Mn 3'
O non-polymer 'OXYGEN ATOM' O
SO4 non-polymer 'SULFATE ION' 'O4 S -2'
#
# COMPACT_ATOMS: atom_id res chain seq x y z
N MET A 1 7.50 -8.99 0.23
CA MET A 1 6.86 -8.88 1.56
C MET A 1 7.27 -7.57 2.18
N PHE A 2 6.58 -7.20 3.26
CA PHE A 2 6.80 -5.92 3.90
C PHE A 2 6.81 -6.07 5.41
N LEU A 3 7.48 -5.10 6.05
CA LEU A 3 7.49 -4.95 7.49
C LEU A 3 7.05 -3.54 7.82
N ARG A 4 6.56 -3.35 9.05
CA ARG A 4 6.04 -2.06 9.48
C ARG A 4 6.73 -1.63 10.77
N ILE A 5 7.02 -0.34 10.87
CA ILE A 5 7.61 0.31 12.04
C ILE A 5 6.60 1.35 12.50
N ASP A 6 6.28 1.36 13.79
CA ASP A 6 5.25 2.25 14.34
C ASP A 6 5.78 3.66 14.61
N ARG A 7 6.25 4.32 13.56
CA ARG A 7 6.79 5.67 13.60
C ARG A 7 6.46 6.36 12.30
N LEU A 8 6.13 7.64 12.37
CA LEU A 8 6.00 8.46 11.19
C LEU A 8 7.37 8.86 10.68
N GLN A 9 7.46 9.15 9.39
CA GLN A 9 8.75 9.49 8.80
C GLN A 9 9.36 10.76 9.39
N ILE A 10 8.54 11.68 9.91
CA ILE A 10 9.03 12.85 10.65
C ILE A 10 8.13 13.04 11.86
N GLU A 11 8.63 13.84 12.82
CA GLU A 11 7.81 14.35 13.92
C GLU A 11 6.92 15.47 13.39
N LEU A 12 5.64 15.39 13.65
CA LEU A 12 4.71 16.48 13.35
C LEU A 12 4.38 17.25 14.62
N PRO A 13 4.20 18.56 14.50
CA PRO A 13 3.71 19.32 15.65
C PRO A 13 2.27 18.96 15.96
N MET A 14 1.86 19.23 17.21
CA MET A 14 0.48 18.94 17.61
C MET A 14 -0.44 20.03 17.05
N PRO A 15 -1.65 19.68 16.66
CA PRO A 15 -2.58 20.70 16.21
C PRO A 15 -3.15 21.51 17.38
N LYS A 16 -3.49 22.76 17.08
CA LYS A 16 -4.08 23.68 18.05
C LYS A 16 -5.59 23.72 17.97
N GLU A 17 -6.17 23.55 16.78
CA GLU A 17 -7.61 23.64 16.58
C GLU A 17 -8.00 22.86 15.33
N GLN A 18 -9.25 22.42 15.28
CA GLN A 18 -9.78 21.73 14.12
C GLN A 18 -9.87 22.70 12.96
N ASP A 19 -9.56 22.23 11.76
CA ASP A 19 -9.69 23.04 10.56
C ASP A 19 -10.20 22.15 9.45
N PRO A 20 -11.51 21.95 9.39
CA PRO A 20 -12.06 21.00 8.41
C PRO A 20 -11.76 21.34 6.98
N ASN A 21 -11.89 22.60 6.57
CA ASN A 21 -11.66 22.90 5.16
C ASN A 21 -10.19 22.76 4.79
N ALA A 22 -9.26 23.00 5.72
CA ALA A 22 -7.86 22.70 5.42
C ALA A 22 -7.67 21.20 5.22
N ALA A 23 -8.30 20.38 6.05
CA ALA A 23 -8.24 18.93 5.85
C ALA A 23 -8.80 18.53 4.49
N ALA A 24 -9.88 19.18 4.06
CA ALA A 24 -10.49 18.85 2.78
C ALA A 24 -9.56 19.17 1.63
N ALA A 25 -8.76 20.23 1.74
CA ALA A 25 -7.80 20.57 0.71
C ALA A 25 -6.62 19.61 0.72
N VAL A 26 -6.10 19.29 1.91
CA VAL A 26 -4.97 18.37 2.03
C VAL A 26 -5.33 16.99 1.49
N GLN A 27 -6.63 16.62 1.47
CA GLN A 27 -7.03 15.36 0.85
C GLN A 27 -6.55 15.25 -0.59
N ALA A 28 -6.40 16.36 -1.31
CA ALA A 28 -5.86 16.27 -2.68
C ALA A 28 -4.52 15.57 -2.71
N LEU A 29 -3.72 15.72 -1.65
CA LEU A 29 -2.40 15.13 -1.57
C LEU A 29 -2.43 13.70 -1.07
N LEU A 30 -3.60 13.18 -0.73
CA LEU A 30 -3.74 11.79 -0.32
C LEU A 30 -4.38 10.99 -1.43
N GLY A 31 -5.66 11.25 -1.74
CA GLY A 31 -6.39 10.45 -2.68
C GLY A 31 -6.77 11.09 -4.00
N GLY A 32 -6.25 12.28 -4.30
CA GLY A 32 -6.47 12.86 -5.61
C GLY A 32 -5.57 12.23 -6.64
N ARG A 33 -5.76 12.66 -7.89
CA ARG A 33 -5.02 12.08 -9.02
C ARG A 33 -3.51 12.13 -8.83
N PHE A 34 -2.98 13.19 -8.25
CA PHE A 34 -1.55 13.38 -8.06
C PHE A 34 -1.18 13.35 -6.59
N GLY A 35 -1.96 12.63 -5.80
CA GLY A 35 -1.65 12.48 -4.40
C GLY A 35 -0.71 11.30 -4.14
N GLU A 36 -0.42 11.11 -2.87
CA GLU A 36 0.52 10.07 -2.45
C GLU A 36 -0.01 8.65 -2.70
N MET A 37 -1.33 8.44 -2.72
CA MET A 37 -1.83 7.14 -3.16
C MET A 37 -1.39 6.85 -4.58
N SER A 38 -1.33 7.87 -5.42
CA SER A 38 -0.95 7.67 -6.82
C SER A 38 0.53 7.37 -6.97
N THR A 39 1.39 8.11 -6.31
CA THR A 39 2.81 7.78 -6.43
C THR A 39 3.07 6.40 -5.83
N LEU A 40 2.49 6.11 -4.67
CA LEU A 40 2.61 4.79 -4.07
C LEU A 40 2.20 3.70 -5.05
N MET A 41 0.97 3.76 -5.54
CA MET A 41 0.43 2.62 -6.28
CA MET A 41 0.45 2.61 -6.28
C MET A 41 1.07 2.49 -7.66
N ASN A 42 1.45 3.60 -8.28
CA ASN A 42 2.21 3.52 -9.51
C ASN A 42 3.49 2.74 -9.30
N TYR A 43 4.30 3.12 -8.31
CA TYR A 43 5.58 2.46 -8.16
C TYR A 43 5.42 1.06 -7.66
N MET A 44 4.41 0.81 -6.82
CA MET A 44 4.20 -0.53 -6.32
C MET A 44 3.89 -1.49 -7.46
N TYR A 45 2.90 -1.14 -8.29
CA TYR A 45 2.54 -2.06 -9.37
C TYR A 45 3.63 -2.14 -10.43
N GLN A 46 4.31 -1.04 -10.74
CA GLN A 46 5.46 -1.12 -11.64
C GLN A 46 6.49 -2.09 -11.08
N SER A 47 6.74 -2.06 -9.78
CA SER A 47 7.73 -2.97 -9.20
C SER A 47 7.27 -4.42 -9.30
N PHE A 48 5.98 -4.70 -9.09
CA PHE A 48 5.51 -6.08 -9.24
C PHE A 48 5.68 -6.53 -10.68
N ASN A 49 5.33 -5.67 -11.62
CA ASN A 49 5.18 -6.03 -13.02
C ASN A 49 6.50 -5.93 -13.77
N PHE A 50 7.57 -5.53 -13.10
CA PHE A 50 8.85 -5.23 -13.75
C PHE A 50 9.41 -6.49 -14.41
N ARG A 51 9.79 -6.36 -15.67
CA ARG A 51 10.44 -7.44 -16.41
C ARG A 51 11.93 -7.16 -16.50
N GLY A 52 12.72 -8.20 -16.25
CA GLY A 52 14.17 -8.05 -16.20
C GLY A 52 14.67 -7.59 -14.84
N LYS A 53 14.11 -8.18 -13.79
CA LYS A 53 14.43 -7.74 -12.43
C LYS A 53 15.91 -7.95 -12.09
N LYS A 54 16.55 -8.96 -12.64
CA LYS A 54 17.99 -9.10 -12.45
C LYS A 54 18.79 -8.36 -13.53
N ALA A 55 18.39 -8.49 -14.79
CA ALA A 55 19.15 -7.88 -15.89
C ALA A 55 19.16 -6.36 -15.82
N LEU A 56 18.10 -5.77 -15.25
CA LEU A 56 17.95 -4.32 -15.09
C LEU A 56 17.88 -3.95 -13.63
N LYS A 57 18.62 -4.70 -12.81
CA LYS A 57 18.49 -4.62 -11.35
C LYS A 57 18.58 -3.21 -10.79
N PRO A 58 19.51 -2.35 -11.21
CA PRO A 58 19.56 -1.02 -10.56
C PRO A 58 18.27 -0.25 -10.70
N TYR A 59 17.60 -0.40 -11.84
CA TYR A 59 16.35 0.31 -12.09
C TYR A 59 15.20 -0.32 -11.31
N TYR A 60 15.19 -1.65 -11.19
CA TYR A 60 14.22 -2.34 -10.35
C TYR A 60 14.38 -1.91 -8.91
N ASP A 61 15.62 -1.92 -8.40
CA ASP A 61 15.86 -1.53 -7.01
C ASP A 61 15.32 -0.13 -6.75
N LEU A 62 15.55 0.78 -7.69
CA LEU A 62 15.11 2.16 -7.52
C LEU A 62 13.60 2.23 -7.36
N ILE A 63 12.86 1.61 -8.29
CA ILE A 63 11.40 1.68 -8.25
C ILE A 63 10.85 0.96 -7.04
N ALA A 64 11.39 -0.22 -6.73
CA ALA A 64 10.88 -1.01 -5.62
C ALA A 64 11.10 -0.29 -4.31
N ASN A 65 12.25 0.37 -4.17
CA ASN A 65 12.56 1.09 -2.94
C ASN A 65 11.76 2.37 -2.79
N ILE A 66 11.63 3.16 -3.87
CA ILE A 66 10.83 4.38 -3.78
C ILE A 66 9.38 4.05 -3.49
N ALA A 67 8.85 2.96 -4.06
CA ALA A 67 7.51 2.51 -3.72
C ALA A 67 7.35 2.35 -2.21
N THR A 68 8.37 1.79 -1.56
CA THR A 68 8.29 1.55 -0.12
C THR A 68 8.31 2.86 0.66
N GLU A 69 9.12 3.84 0.22
CA GLU A 69 9.06 5.15 0.87
C GLU A 69 7.67 5.75 0.77
N GLU A 70 6.99 5.57 -0.37
CA GLU A 70 5.66 6.17 -0.53
C GLU A 70 4.62 5.59 0.42
N LEU A 71 4.81 4.36 0.92
CA LEU A 71 3.93 3.87 1.99
C LEU A 71 3.98 4.76 3.20
N GLY A 72 5.17 5.23 3.58
CA GLY A 72 5.27 6.18 4.66
C GLY A 72 4.70 7.54 4.33
N HIS A 73 4.63 7.89 3.05
CA HIS A 73 4.04 9.18 2.69
C HIS A 73 2.52 9.16 2.80
N ILE A 74 1.84 8.08 2.40
CA ILE A 74 0.41 8.06 2.62
C ILE A 74 0.13 8.11 4.11
N GLU A 75 0.98 7.47 4.91
CA GLU A 75 0.81 7.45 6.37
C GLU A 75 0.94 8.86 6.93
N LEU A 76 1.92 9.61 6.45
CA LEU A 76 2.18 10.96 6.93
C LEU A 76 1.05 11.90 6.54
N VAL A 77 0.56 11.81 5.29
CA VAL A 77 -0.52 12.69 4.87
C VAL A 77 -1.80 12.37 5.64
N ALA A 78 -2.11 11.08 5.84
CA ALA A 78 -3.26 10.72 6.65
C ALA A 78 -3.15 11.28 8.06
N ALA A 79 -1.97 11.18 8.68
CA ALA A 79 -1.78 11.72 10.03
C ALA A 79 -2.05 13.21 10.06
N THR A 80 -1.64 13.93 9.01
CA THR A 80 -1.86 15.36 8.93
C THR A 80 -3.34 15.67 8.85
N ILE A 81 -4.06 14.97 7.97
CA ILE A 81 -5.50 15.15 7.87
C ILE A 81 -6.16 14.84 9.20
N ASN A 82 -5.77 13.75 9.84
CA ASN A 82 -6.38 13.39 11.11
C ASN A 82 -6.10 14.44 12.19
N SER A 83 -4.91 15.04 12.15
CA SER A 83 -4.59 16.13 13.08
C SER A 83 -5.52 17.31 12.89
N LEU A 84 -5.79 17.66 11.64
CA LEU A 84 -6.66 18.80 11.35
C LEU A 84 -8.11 18.53 11.69
N LEU A 85 -8.50 17.27 11.82
CA LEU A 85 -9.89 16.92 12.16
C LEU A 85 -10.07 16.54 13.63
N ALA A 86 -8.98 16.45 14.40
CA ALA A 86 -9.06 15.95 15.76
C ALA A 86 -9.65 16.99 16.70
N LYS A 87 -10.67 16.59 17.45
CA LYS A 87 -11.31 17.49 18.41
C LYS A 87 -10.51 17.58 19.69
N ASN A 88 -10.09 16.44 20.22
CA ASN A 88 -9.41 16.33 21.53
C ASN A 88 -8.14 15.52 21.40
N PRO A 89 -7.16 15.99 20.64
CA PRO A 89 -5.95 15.18 20.41
C PRO A 89 -5.26 14.75 21.71
N GLY A 90 -4.89 13.47 21.77
CA GLY A 90 -4.23 12.92 22.94
C GLY A 90 -5.07 12.74 24.17
N LYS A 91 -6.38 12.98 24.10
CA LYS A 91 -7.28 12.84 25.26
C LYS A 91 -8.14 11.60 25.06
N ASP A 92 -8.05 10.64 25.98
CA ASP A 92 -8.68 9.33 25.80
C ASP A 92 -10.18 9.35 26.09
N LEU A 93 -10.69 10.35 26.79
CA LEU A 93 -12.08 10.33 27.23
C LEU A 93 -12.60 11.76 27.33
N GLU A 94 -13.69 12.03 26.62
CA GLU A 94 -14.46 13.26 26.83
C GLU A 94 -15.87 12.85 27.25
N GLU A 95 -16.36 13.49 28.28
CA GLU A 95 -17.67 13.15 28.82
C GLU A 95 -18.63 14.32 28.63
N GLY A 96 -19.91 14.01 28.67
CA GLY A 96 -20.95 15.03 28.62
C GLY A 96 -21.40 15.50 27.26
N VAL A 97 -21.05 14.79 26.19
CA VAL A 97 -21.56 15.13 24.86
C VAL A 97 -22.97 14.55 24.69
N ASP A 98 -23.94 15.39 24.37
CA ASP A 98 -25.32 14.98 24.17
C ASP A 98 -25.67 15.10 22.68
N PRO A 99 -26.00 13.99 22.00
CA PRO A 99 -26.37 14.09 20.57
C PRO A 99 -27.46 15.10 20.27
N ALA A 100 -28.43 15.28 21.18
CA ALA A 100 -29.55 16.18 20.91
C ALA A 100 -29.14 17.63 20.92
N SER A 101 -27.93 17.96 21.37
CA SER A 101 -27.45 19.32 21.41
C SER A 101 -26.75 19.73 20.12
N THR A 102 -26.81 18.89 19.10
CA THR A 102 -26.28 19.24 17.78
C THR A 102 -24.77 19.50 17.81
N PRO A 103 -23.99 18.56 18.34
CA PRO A 103 -22.54 18.78 18.48
C PRO A 103 -21.79 18.79 17.18
N LEU A 104 -22.40 18.35 16.08
CA LEU A 104 -21.77 18.38 14.77
C LEU A 104 -22.40 19.44 13.89
N GLY A 105 -23.09 20.42 14.49
CA GLY A 105 -23.74 21.45 13.69
C GLY A 105 -22.80 22.16 12.72
N PHE A 106 -21.55 22.40 13.14
CA PHE A 106 -20.61 23.09 12.28
C PHE A 106 -20.35 22.32 11.00
N ALA A 107 -20.46 21.00 11.06
CA ALA A 107 -20.10 20.17 9.91
C ALA A 107 -21.11 20.25 8.79
N LYS A 108 -22.30 20.80 9.07
CA LYS A 108 -23.33 20.97 8.06
C LYS A 108 -22.83 21.85 6.91
N ASP A 109 -21.95 22.79 7.21
CA ASP A 109 -21.59 23.87 6.31
C ASP A 109 -20.17 23.78 5.76
N VAL A 110 -19.41 22.75 6.13
CA VAL A 110 -18.05 22.59 5.61
C VAL A 110 -18.09 21.95 4.22
N ARG A 111 -16.97 22.02 3.50
CA ARG A 111 -16.93 21.44 2.17
C ARG A 111 -17.15 19.92 2.20
N ASN A 112 -16.43 19.22 3.05
CA ASN A 112 -16.42 17.75 3.04
C ASN A 112 -17.18 17.25 4.25
N ALA A 113 -18.47 16.98 4.03
CA ALA A 113 -19.29 16.38 5.09
C ALA A 113 -18.98 14.91 5.28
N ALA A 114 -18.41 14.24 4.29
CA ALA A 114 -18.12 12.82 4.40
C ALA A 114 -17.12 12.54 5.52
N HIS A 115 -16.20 13.47 5.78
CA HIS A 115 -15.26 13.32 6.89
C HIS A 115 -15.98 13.06 8.20
N PHE A 116 -17.19 13.60 8.37
CA PHE A 116 -17.93 13.55 9.62
C PHE A 116 -19.06 12.54 9.60
N ILE A 117 -19.56 12.17 8.43
CA ILE A 117 -20.64 11.19 8.30
C ILE A 117 -20.09 9.81 8.05
N ALA A 118 -19.26 9.66 7.02
CA ALA A 118 -18.71 8.35 6.64
C ALA A 118 -17.51 8.02 7.49
N GLY A 119 -16.60 8.96 7.64
CA GLY A 119 -15.53 8.78 8.61
C GLY A 119 -15.96 9.25 9.96
N GLY A 120 -15.19 8.86 10.95
CA GLY A 120 -15.36 9.37 12.31
C GLY A 120 -14.45 10.57 12.52
N ALA A 121 -14.66 11.62 11.75
CA ALA A 121 -13.75 12.76 11.68
C ALA A 121 -12.32 12.27 11.41
N ASN A 122 -12.16 11.54 10.29
CA ASN A 122 -10.87 10.96 9.95
C ASN A 122 -10.68 10.94 8.44
N SER A 123 -9.45 10.67 8.03
CA SER A 123 -9.09 10.65 6.62
C SER A 123 -9.89 9.61 5.87
N LEU A 124 -10.10 9.91 4.59
CA LEU A 124 -10.79 9.03 3.66
C LEU A 124 -9.95 8.91 2.40
N VAL A 125 -10.27 7.93 1.54
CA VAL A 125 -9.43 7.64 0.38
C VAL A 125 -9.96 8.42 -0.83
N MET A 126 -9.78 9.73 -0.78
CA MET A 126 -10.42 10.64 -1.73
C MET A 126 -9.56 11.89 -1.85
N GLY A 127 -9.94 12.69 -2.84
CA GLY A 127 -9.31 13.98 -3.09
C GLY A 127 -10.10 15.15 -2.55
N ALA A 128 -9.73 16.35 -3.02
CA ALA A 128 -10.27 17.61 -2.52
C ALA A 128 -11.68 17.90 -2.96
N MET A 129 -12.25 17.11 -3.87
CA MET A 129 -13.64 17.27 -4.29
C MET A 129 -14.51 16.12 -3.81
N GLY A 130 -13.98 15.24 -2.95
CA GLY A 130 -14.70 14.06 -2.56
C GLY A 130 -14.61 12.93 -3.56
N GLU A 131 -13.80 13.09 -4.59
CA GLU A 131 -13.64 12.05 -5.59
C GLU A 131 -12.77 10.94 -5.00
N HIS A 132 -13.24 9.71 -5.10
CA HIS A 132 -12.48 8.60 -4.53
C HIS A 132 -11.30 8.22 -5.41
N TRP A 133 -10.21 7.88 -4.79
CA TRP A 133 -9.04 7.44 -5.54
C TRP A 133 -9.40 6.21 -6.36
N ASN A 134 -8.87 6.12 -7.58
CA ASN A 134 -9.20 4.97 -8.37
C ASN A 134 -8.01 4.43 -9.14
N GLY A 135 -8.08 3.14 -9.43
CA GLY A 135 -6.99 2.42 -10.04
C GLY A 135 -6.59 2.88 -11.43
N GLU A 136 -7.40 3.68 -12.10
CA GLU A 136 -6.96 4.22 -13.39
C GLU A 136 -5.97 5.37 -13.23
N TYR A 137 -5.66 5.78 -12.00
CA TYR A 137 -4.58 6.72 -11.75
C TYR A 137 -3.21 6.04 -11.83
N VAL A 138 -3.19 4.71 -12.03
CA VAL A 138 -1.94 3.94 -12.15
C VAL A 138 -1.62 3.73 -13.63
N PHE A 139 -0.35 3.89 -13.96
CA PHE A 139 0.21 3.64 -15.28
C PHE A 139 1.30 2.59 -15.10
N THR A 140 1.11 1.43 -15.71
CA THR A 140 2.07 0.34 -15.60
C THR A 140 2.13 -0.34 -16.97
N SER A 141 2.97 0.20 -17.81
CA SER A 141 3.01 -0.18 -19.22
C SER A 141 3.94 -1.35 -19.49
N GLY A 142 4.84 -1.66 -18.58
CA GLY A 142 5.84 -2.68 -18.81
C GLY A 142 7.06 -2.20 -19.56
N ASN A 143 7.02 -1.01 -20.18
CA ASN A 143 8.15 -0.47 -20.91
C ASN A 143 8.92 0.45 -19.98
N LEU A 144 10.19 0.16 -19.75
CA LEU A 144 10.94 0.84 -18.71
C LEU A 144 11.02 2.34 -18.95
N ILE A 145 11.44 2.76 -20.16
CA ILE A 145 11.62 4.19 -20.43
C ILE A 145 10.29 4.94 -20.32
N LEU A 146 9.23 4.37 -20.86
CA LEU A 146 7.92 5.02 -20.79
C LEU A 146 7.44 5.16 -19.36
N ASP A 147 7.58 4.10 -18.55
CA ASP A 147 7.19 4.19 -17.14
C ASP A 147 8.03 5.24 -16.41
N LEU A 148 9.33 5.28 -16.66
CA LEU A 148 10.18 6.28 -15.98
C LEU A 148 9.82 7.70 -16.38
N LEU A 149 9.48 7.92 -17.66
CA LEU A 149 9.07 9.24 -18.10
C LEU A 149 7.77 9.64 -17.42
N HIS A 150 6.82 8.72 -17.35
CA HIS A 150 5.61 8.94 -16.59
C HIS A 150 5.92 9.33 -15.16
N ASN A 151 6.84 8.61 -14.52
CA ASN A 151 7.09 8.82 -13.10
C ASN A 151 7.76 10.16 -12.82
N PHE A 152 8.64 10.60 -13.72
CA PHE A 152 9.23 11.93 -13.62
C PHE A 152 8.13 12.99 -13.67
N PHE A 153 7.23 12.89 -14.66
CA PHE A 153 6.08 13.78 -14.75
C PHE A 153 5.22 13.71 -13.49
N LEU A 154 4.93 12.49 -13.03
CA LEU A 154 4.07 12.33 -11.86
C LEU A 154 4.62 13.08 -10.66
N GLU A 155 5.92 13.00 -10.41
CA GLU A 155 6.46 13.67 -9.23
C GLU A 155 6.40 15.18 -9.36
N VAL A 156 6.61 15.73 -10.56
CA VAL A 156 6.56 17.20 -10.67
C VAL A 156 5.13 17.70 -10.71
N ALA A 157 4.19 16.90 -11.25
CA ALA A 157 2.78 17.26 -11.12
C ALA A 157 2.35 17.23 -9.66
N ALA A 158 2.76 16.21 -8.92
CA ALA A 158 2.45 16.13 -7.49
C ALA A 158 3.07 17.30 -6.72
N ARG A 159 4.30 17.71 -7.09
CA ARG A 159 4.92 18.87 -6.44
C ARG A 159 4.07 20.11 -6.66
N THR A 160 3.52 20.28 -7.88
CA THR A 160 2.69 21.44 -8.20
C THR A 160 1.45 21.45 -7.31
N HIS A 161 0.82 20.29 -7.12
CA HIS A 161 -0.32 20.23 -6.21
C HIS A 161 0.07 20.55 -4.77
N LYS A 162 1.20 20.01 -4.30
CA LYS A 162 1.64 20.31 -2.93
CA LYS A 162 1.69 20.30 -2.94
C LYS A 162 1.87 21.80 -2.73
N LEU A 163 2.50 22.47 -3.71
CA LEU A 163 2.74 23.91 -3.60
C LEU A 163 1.44 24.69 -3.55
N ARG A 164 0.46 24.33 -4.37
CA ARG A 164 -0.82 25.04 -4.36
C ARG A 164 -1.55 24.85 -3.04
N VAL A 165 -1.56 23.63 -2.50
CA VAL A 165 -2.19 23.42 -1.19
C VAL A 165 -1.45 24.18 -0.10
N TYR A 166 -0.11 24.18 -0.15
CA TYR A 166 0.68 24.97 0.81
C TYR A 166 0.21 26.42 0.85
N GLU A 167 -0.14 26.98 -0.31
CA GLU A 167 -0.56 28.36 -0.41
C GLU A 167 -1.98 28.60 0.07
N MET A 168 -2.73 27.55 0.39
CA MET A 168 -4.11 27.66 0.85
CA MET A 168 -4.11 27.63 0.86
C MET A 168 -4.25 27.59 2.36
N THR A 169 -3.27 27.03 3.07
CA THR A 169 -3.39 26.89 4.51
C THR A 169 -2.09 27.32 5.17
N ASP A 170 -2.21 28.04 6.28
CA ASP A 170 -1.04 28.35 7.09
C ASP A 170 -0.94 27.48 8.32
N ASN A 171 -1.68 26.41 8.38
CA ASN A 171 -1.63 25.54 9.54
C ASN A 171 -0.24 24.90 9.67
N PRO A 172 0.39 24.95 10.84
CA PRO A 172 1.77 24.46 10.94
C PRO A 172 1.90 22.97 10.76
N VAL A 173 0.86 22.19 11.06
CA VAL A 173 1.00 20.75 10.87
C VAL A 173 1.01 20.43 9.37
N ALA A 174 0.12 21.08 8.62
CA ALA A 174 0.11 20.93 7.18
C ALA A 174 1.39 21.43 6.54
N ARG A 175 1.87 22.59 6.97
CA ARG A 175 3.07 23.15 6.33
C ARG A 175 4.34 22.36 6.65
N GLU A 176 4.45 21.76 7.84
CA GLU A 176 5.59 20.93 8.14
C GLU A 176 5.60 19.70 7.24
N MET A 177 4.43 19.07 7.10
CA MET A 177 4.34 17.89 6.25
C MET A 177 4.64 18.23 4.80
N ILE A 178 4.09 19.33 4.30
CA ILE A 178 4.30 19.68 2.90
C ILE A 178 5.76 20.05 2.66
N GLY A 179 6.36 20.81 3.58
CA GLY A 179 7.76 21.15 3.43
C GLY A 179 8.66 19.93 3.32
N TYR A 180 8.40 18.93 4.16
CA TYR A 180 9.18 17.69 4.11
C TYR A 180 8.96 16.96 2.80
N LEU A 181 7.70 16.82 2.38
CA LEU A 181 7.41 16.06 1.17
C LEU A 181 7.84 16.82 -0.09
N LEU A 182 7.90 18.14 -0.08
CA LEU A 182 8.52 18.83 -1.21
C LEU A 182 9.96 18.38 -1.40
N VAL A 183 10.70 18.27 -0.30
CA VAL A 183 12.10 17.82 -0.38
C VAL A 183 12.18 16.38 -0.85
N ARG A 184 11.35 15.49 -0.29
CA ARG A 184 11.38 14.10 -0.72
C ARG A 184 10.94 13.95 -2.16
N GLY A 185 9.97 14.76 -2.61
CA GLY A 185 9.54 14.68 -4.00
C GLY A 185 10.62 15.17 -4.94
N GLY A 186 11.43 16.12 -4.48
CA GLY A 186 12.55 16.57 -5.30
C GLY A 186 13.56 15.45 -5.48
N VAL A 187 13.79 14.68 -4.42
CA VAL A 187 14.67 13.52 -4.52
C VAL A 187 14.13 12.52 -5.51
N HIS A 188 12.83 12.22 -5.44
CA HIS A 188 12.25 11.25 -6.37
C HIS A 188 12.34 11.73 -7.81
N ALA A 189 12.00 12.98 -8.06
CA ALA A 189 12.09 13.49 -9.42
C ALA A 189 13.52 13.46 -9.92
N ALA A 190 14.47 13.83 -9.07
CA ALA A 190 15.88 13.76 -9.46
C ALA A 190 16.31 12.32 -9.72
N ALA A 191 15.82 11.37 -8.94
CA ALA A 191 16.23 9.99 -9.12
C ALA A 191 15.70 9.43 -10.42
N TYR A 192 14.43 9.70 -10.73
CA TYR A 192 13.91 9.26 -12.00
C TYR A 192 14.55 10.00 -13.15
N GLY A 193 14.89 11.27 -12.96
CA GLY A 193 15.63 12.00 -13.98
C GLY A 193 17.01 11.42 -14.24
N LYS A 194 17.74 11.08 -13.18
CA LYS A 194 19.05 10.42 -13.34
C LYS A 194 18.89 9.06 -14.03
N ALA A 195 17.85 8.31 -13.69
CA ALA A 195 17.64 7.04 -14.37
C ALA A 195 17.43 7.26 -15.87
N LEU A 196 16.61 8.26 -16.24
CA LEU A 196 16.38 8.54 -17.65
C LEU A 196 17.65 9.01 -18.33
N GLU A 197 18.47 9.82 -17.64
CA GLU A 197 19.75 10.25 -18.22
C GLU A 197 20.61 9.04 -18.57
N SER A 198 20.66 8.07 -17.67
CA SER A 198 21.53 6.92 -17.89
C SER A 198 21.09 6.08 -19.07
N LEU A 199 19.79 6.04 -19.34
CA LEU A 199 19.24 5.19 -20.39
C LEU A 199 19.16 5.88 -21.73
N THR A 200 19.01 7.20 -21.76
CA THR A 200 18.70 7.91 -23.00
C THR A 200 19.72 8.98 -23.37
N GLY A 201 20.57 9.43 -22.45
CA GLY A 201 21.48 10.54 -22.68
C GLY A 201 20.85 11.91 -22.63
N VAL A 202 19.55 11.99 -22.36
CA VAL A 202 18.84 13.27 -22.30
C VAL A 202 18.93 13.78 -20.86
N GLU A 203 19.33 15.04 -20.70
CA GLU A 203 19.68 15.60 -19.36
C GLU A 203 18.42 16.09 -18.64
N MET A 204 17.58 15.11 -18.27
CA MET A 204 16.27 15.43 -17.70
C MET A 204 16.37 16.28 -16.44
N THR A 205 17.38 16.09 -15.59
CA THR A 205 17.44 16.86 -14.35
C THR A 205 17.67 18.35 -14.60
N LYS A 206 18.10 18.72 -15.78
CA LYS A 206 18.31 20.12 -16.10
C LYS A 206 16.98 20.86 -16.26
N MET A 207 15.87 20.12 -16.35
CA MET A 207 14.57 20.72 -16.45
C MET A 207 14.04 21.14 -15.08
N LEU A 208 14.62 20.61 -14.00
CA LEU A 208 14.15 20.93 -12.67
C LEU A 208 14.66 22.30 -12.24
N PRO A 209 13.90 23.02 -11.39
CA PRO A 209 12.60 22.65 -10.80
C PRO A 209 11.44 22.96 -11.71
N ILE A 210 10.37 22.19 -11.52
CA ILE A 210 9.07 22.43 -12.15
C ILE A 210 8.05 22.46 -11.02
N PRO A 211 7.20 23.49 -10.90
CA PRO A 211 7.32 24.79 -11.53
C PRO A 211 8.63 25.47 -11.15
N LYS A 212 8.91 26.61 -11.80
CA LYS A 212 10.22 27.28 -11.66
C LYS A 212 10.23 28.16 -10.41
N ILE A 213 10.21 27.47 -9.27
CA ILE A 213 10.36 28.06 -7.96
C ILE A 213 11.17 27.05 -7.16
N ASP A 214 12.19 27.52 -6.46
CA ASP A 214 13.08 26.62 -5.74
C ASP A 214 12.46 26.22 -4.41
N ASN A 215 12.69 24.97 -4.03
CA ASN A 215 12.25 24.51 -2.71
C ASN A 215 12.79 25.40 -1.59
N SER A 216 13.99 25.97 -1.77
CA SER A 216 14.57 26.82 -0.75
C SER A 216 13.75 28.07 -0.45
N LYS A 217 12.78 28.42 -1.30
CA LYS A 217 11.93 29.57 -1.03
C LYS A 217 10.76 29.26 -0.11
N ILE A 218 10.56 27.98 0.21
CA ILE A 218 9.51 27.53 1.12
C ILE A 218 10.20 27.29 2.47
N PRO A 219 9.86 28.04 3.53
CA PRO A 219 10.70 27.97 4.75
C PRO A 219 10.82 26.57 5.34
N GLU A 220 9.71 25.84 5.41
CA GLU A 220 9.75 24.50 5.99
C GLU A 220 10.60 23.55 5.14
N ALA A 221 10.56 23.69 3.82
CA ALA A 221 11.39 22.87 2.96
C ALA A 221 12.86 23.23 3.15
N LYS A 222 13.15 24.53 3.28
CA LYS A 222 14.55 24.93 3.43
C LYS A 222 15.16 24.33 4.68
N LYS A 223 14.41 24.26 5.76
CA LYS A 223 14.92 23.63 6.98
C LYS A 223 15.37 22.20 6.72
N TYR A 224 14.56 21.43 6.00
CA TYR A 224 14.93 20.04 5.70
C TYR A 224 16.10 19.95 4.74
N MET A 225 16.25 20.91 3.85
CA MET A 225 17.44 20.95 3.00
CA MET A 225 17.44 20.91 3.01
C MET A 225 18.68 21.27 3.82
N ASP A 226 18.55 22.20 4.77
CA ASP A 226 19.69 22.51 5.64
C ASP A 226 20.12 21.30 6.46
N LEU A 227 19.20 20.38 6.74
CA LEU A 227 19.53 19.12 7.39
C LEU A 227 20.06 18.07 6.43
N GLY A 228 20.11 18.37 5.14
CA GLY A 228 20.67 17.47 4.14
C GLY A 228 19.71 16.51 3.49
N PHE A 229 18.40 16.64 3.73
CA PHE A 229 17.47 15.60 3.31
C PHE A 229 17.27 15.53 1.81
N HIS A 230 17.60 16.57 1.05
CA HIS A 230 17.56 16.47 -0.40
C HIS A 230 18.67 15.61 -0.97
N ARG A 231 19.67 15.25 -0.18
CA ARG A 231 20.75 14.40 -0.65
C ARG A 231 20.46 12.92 -0.45
N ASN A 232 19.47 12.58 0.35
CA ASN A 232 19.37 11.24 0.91
C ASN A 232 18.36 10.41 0.17
N LEU A 233 18.79 9.26 -0.30
CA LEU A 233 17.88 8.19 -0.71
C LEU A 233 18.04 7.09 0.33
N TYR A 234 17.02 6.91 1.16
CA TYR A 234 17.03 5.88 2.19
C TYR A 234 16.68 4.53 1.59
N ARG A 235 17.43 3.50 1.99
CA ARG A 235 17.18 2.12 1.56
C ARG A 235 16.23 1.49 2.59
N PHE A 236 14.96 1.38 2.24
CA PHE A 236 13.91 0.91 3.14
C PHE A 236 13.77 -0.61 3.07
N SER A 237 14.87 -1.31 3.43
CA SER A 237 14.89 -2.76 3.34
C SER A 237 15.98 -3.26 4.28
N PRO A 238 15.79 -4.41 4.94
CA PRO A 238 16.90 -4.96 5.75
C PRO A 238 18.11 -5.28 4.91
N GLU A 239 17.92 -5.99 3.81
CA GLU A 239 19.03 -6.54 3.03
C GLU A 239 18.96 -6.35 1.53
N ASP A 240 17.83 -5.92 0.98
CA ASP A 240 17.66 -5.89 -0.46
C ASP A 240 17.83 -4.48 -1.04
N TYR A 241 17.80 -4.42 -2.36
CA TYR A 241 17.83 -3.19 -3.12
C TYR A 241 19.12 -2.40 -2.92
N ARG A 242 20.23 -3.10 -2.91
CA ARG A 242 21.51 -2.49 -2.57
C ARG A 242 22.20 -1.79 -3.73
N ASP A 243 21.65 -1.82 -4.93
CA ASP A 243 22.32 -1.23 -6.08
C ASP A 243 21.79 0.16 -6.41
N LEU A 244 21.10 0.79 -5.45
CA LEU A 244 20.56 2.14 -5.64
C LEU A 244 21.62 3.12 -6.05
N GLY A 245 22.81 3.00 -5.47
CA GLY A 245 23.87 3.96 -5.66
C GLY A 245 24.46 3.97 -7.04
N LEU A 246 24.10 3.00 -7.88
CA LEU A 246 24.56 3.03 -9.27
C LEU A 246 23.81 4.09 -10.08
N ILE A 247 22.62 4.48 -9.64
CA ILE A 247 21.86 5.56 -10.27
C ILE A 247 21.85 6.80 -9.41
N TRP A 248 21.68 6.61 -8.09
CA TRP A 248 21.61 7.72 -7.15
C TRP A 248 23.03 8.04 -6.74
N LYS A 249 23.67 8.86 -7.58
CA LYS A 249 25.04 9.33 -7.38
C LYS A 249 25.17 10.66 -8.09
N GLY A 250 26.28 11.33 -7.84
CA GLY A 250 26.54 12.56 -8.56
C GLY A 250 25.84 13.70 -7.85
N ALA A 251 25.57 14.76 -8.60
CA ALA A 251 25.15 16.01 -8.02
C ALA A 251 23.65 16.09 -7.82
N SER A 252 23.25 16.76 -6.76
CA SER A 252 21.87 17.13 -6.53
C SER A 252 21.49 18.30 -7.42
N PRO A 253 20.31 18.26 -8.05
CA PRO A 253 19.88 19.42 -8.82
C PRO A 253 19.59 20.63 -7.96
N GLU A 254 19.44 20.46 -6.64
CA GLU A 254 19.08 21.59 -5.80
C GLU A 254 20.26 22.52 -5.61
N ASP A 255 21.43 21.95 -5.32
CA ASP A 255 22.59 22.75 -4.92
C ASP A 255 23.93 22.22 -5.41
N GLY A 256 23.96 21.21 -6.25
CA GLY A 256 25.21 20.74 -6.81
C GLY A 256 26.00 19.84 -5.91
N THR A 257 25.51 19.56 -4.70
CA THR A 257 26.28 18.72 -3.79
C THR A 257 26.05 17.25 -4.08
N GLU A 258 26.93 16.43 -3.55
CA GLU A 258 26.95 15.01 -3.85
C GLU A 258 25.83 14.31 -3.07
N VAL A 259 25.09 13.46 -3.75
CA VAL A 259 23.98 12.74 -3.14
C VAL A 259 24.46 11.42 -2.56
N VAL A 260 23.69 10.87 -1.62
CA VAL A 260 24.09 9.68 -0.88
C VAL A 260 22.93 8.72 -0.66
N VAL A 261 23.27 7.44 -0.57
CA VAL A 261 22.35 6.40 -0.16
C VAL A 261 22.55 6.18 1.32
N VAL A 262 21.47 6.28 2.08
CA VAL A 262 21.48 6.02 3.51
C VAL A 262 20.94 4.62 3.73
N ASP A 263 21.68 3.81 4.47
CA ASP A 263 21.26 2.45 4.74
C ASP A 263 20.21 2.54 5.84
N GLY A 264 19.00 2.28 5.51
CA GLY A 264 17.99 2.12 6.51
C GLY A 264 17.10 3.33 6.59
N PRO A 265 16.01 3.20 7.33
CA PRO A 265 15.05 4.28 7.44
C PRO A 265 15.52 5.37 8.37
N PRO A 266 14.93 6.56 8.28
CA PRO A 266 15.19 7.59 9.30
C PRO A 266 14.55 7.20 10.61
N THR A 267 14.96 7.90 11.68
CA THR A 267 14.42 7.66 13.01
C THR A 267 12.95 8.08 13.10
N GLY A 268 12.59 9.18 12.45
CA GLY A 268 11.20 9.58 12.39
C GLY A 268 10.68 10.16 13.70
N GLY A 269 9.36 10.08 13.85
CA GLY A 269 8.68 10.63 14.98
C GLY A 269 7.52 9.74 15.41
N PRO A 270 6.85 10.10 16.49
CA PRO A 270 5.75 9.25 16.98
C PRO A 270 4.52 9.30 16.06
N VAL A 271 3.75 8.23 16.09
CA VAL A 271 2.46 8.21 15.41
C VAL A 271 1.48 9.09 16.15
N PHE A 272 0.43 9.46 15.45
CA PHE A 272 -0.55 10.41 15.94
C PHE A 272 -1.81 9.68 16.39
N ASP A 273 -2.39 10.13 17.50
CA ASP A 273 -3.67 9.61 18.01
C ASP A 273 -4.61 10.79 18.24
N ALA A 274 -5.72 10.82 17.48
CA ALA A 274 -6.65 11.95 17.55
C ALA A 274 -7.47 11.98 18.83
N GLY A 275 -7.46 10.94 19.64
CA GLY A 275 -8.19 10.95 20.88
C GLY A 275 -9.66 10.63 20.67
N HIS A 276 -10.40 10.79 21.75
CA HIS A 276 -11.83 10.46 21.74
C HIS A 276 -12.63 11.61 21.14
N ASP A 277 -13.58 11.27 20.26
CA ASP A 277 -14.57 12.22 19.73
C ASP A 277 -15.92 11.54 19.90
N ALA A 278 -16.60 11.88 20.99
CA ALA A 278 -17.83 11.19 21.37
C ALA A 278 -18.92 11.37 20.34
N ALA A 279 -19.04 12.57 19.78
CA ALA A 279 -20.09 12.81 18.78
C ALA A 279 -19.88 11.98 17.53
N GLU A 280 -18.65 11.59 17.24
CA GLU A 280 -18.38 10.67 16.15
C GLU A 280 -18.44 9.21 16.58
N PHE A 281 -18.68 8.93 17.86
CA PHE A 281 -18.70 7.54 18.35
C PHE A 281 -17.37 6.85 18.11
N ALA A 282 -16.28 7.58 18.30
CA ALA A 282 -14.96 7.13 17.86
C ALA A 282 -13.96 7.32 19.00
N PRO A 283 -13.41 6.24 19.58
CA PRO A 283 -13.56 4.85 19.17
C PRO A 283 -14.87 4.23 19.63
N GLU A 284 -15.58 4.91 20.52
CA GLU A 284 -16.92 4.53 20.96
C GLU A 284 -17.56 5.80 21.52
N PHE A 285 -18.88 5.77 21.67
CA PHE A 285 -19.57 6.89 22.31
C PHE A 285 -18.96 7.20 23.68
N HIS A 286 -18.97 6.22 24.56
CA HIS A 286 -18.20 6.27 25.80
C HIS A 286 -17.30 5.05 25.86
N PRO A 287 -15.99 5.19 25.66
CA PRO A 287 -15.11 4.02 25.55
C PRO A 287 -14.61 3.45 26.88
N GLY A 288 -15.14 3.92 28.00
CA GLY A 288 -14.61 3.48 29.29
C GLY A 288 -14.62 1.97 29.44
N GLU A 289 -15.72 1.32 29.07
CA GLU A 289 -15.81 -0.13 29.20
C GLU A 289 -14.80 -0.83 28.29
N LEU A 290 -14.58 -0.31 27.08
CA LEU A 290 -13.62 -0.93 26.18
C LEU A 290 -12.22 -0.80 26.73
N TYR A 291 -11.91 0.34 27.35
CA TYR A 291 -10.60 0.53 27.95
C TYR A 291 -10.37 -0.46 29.09
N GLU A 292 -11.42 -0.73 29.87
CA GLU A 292 -11.35 -1.72 30.94
C GLU A 292 -11.12 -3.13 30.41
N ILE A 293 -11.79 -3.49 29.32
CA ILE A 293 -11.59 -4.79 28.72
C ILE A 293 -10.15 -4.94 28.26
N ALA A 294 -9.60 -3.90 27.61
CA ALA A 294 -8.23 -3.98 27.12
C ALA A 294 -7.24 -4.14 28.27
N LYS A 295 -7.47 -3.42 29.37
CA LYS A 295 -6.59 -3.54 30.53
C LYS A 295 -6.65 -4.95 31.11
N LYS A 296 -7.83 -5.55 31.14
CA LYS A 296 -7.94 -6.91 31.67
C LYS A 296 -7.27 -7.95 30.80
N LEU A 297 -7.17 -7.73 29.47
CA LEU A 297 -6.44 -8.67 28.63
C LEU A 297 -4.99 -8.82 29.07
N TYR A 298 -4.38 -7.75 29.57
CA TYR A 298 -3.00 -7.84 30.03
C TYR A 298 -2.88 -8.70 31.30
N GLU A 299 -3.96 -8.83 32.08
CA GLU A 299 -3.93 -9.63 33.32
C GLU A 299 -4.28 -11.12 33.10
N MET B 1 6.00 3.81 9.28
CA MET B 1 6.97 3.63 8.14
C MET B 1 7.02 2.15 7.83
N PHE B 2 7.55 1.83 6.66
CA PHE B 2 7.56 0.45 6.18
C PHE B 2 8.92 0.09 5.59
N LEU B 3 9.21 -1.21 5.60
CA LEU B 3 10.38 -1.78 4.96
C LEU B 3 9.91 -2.86 4.00
N ARG B 4 10.76 -3.22 3.04
CA ARG B 4 10.42 -4.19 2.01
C ARG B 4 11.48 -5.29 1.98
N ILE B 5 11.02 -6.52 1.76
CA ILE B 5 11.85 -7.71 1.57
C ILE B 5 11.55 -8.24 0.17
N ASP B 6 12.60 -8.51 -0.62
CA ASP B 6 12.40 -8.90 -2.02
C ASP B 6 12.12 -10.40 -2.16
N ARG B 7 10.99 -10.81 -1.59
CA ARG B 7 10.53 -12.20 -1.58
C ARG B 7 9.02 -12.19 -1.56
N LEU B 8 8.43 -13.16 -2.23
CA LEU B 8 7.00 -13.41 -2.10
C LEU B 8 6.72 -14.19 -0.83
N GLN B 9 5.49 -14.14 -0.34
CA GLN B 9 5.19 -14.81 0.92
C GLN B 9 5.26 -16.33 0.81
N ILE B 10 5.08 -16.89 -0.39
CA ILE B 10 5.28 -18.32 -0.64
C ILE B 10 6.03 -18.47 -1.95
N GLU B 11 6.59 -19.66 -2.15
CA GLU B 11 7.07 -20.08 -3.47
C GLU B 11 5.88 -20.41 -4.38
N LEU B 12 5.85 -19.80 -5.56
CA LEU B 12 4.84 -20.15 -6.57
C LEU B 12 5.42 -21.14 -7.57
N PRO B 13 4.62 -22.05 -8.11
CA PRO B 13 5.10 -22.88 -9.23
C PRO B 13 5.31 -22.02 -10.47
N MET B 14 6.20 -22.51 -11.35
CA MET B 14 6.48 -21.78 -12.57
C MET B 14 5.35 -22.03 -13.57
N PRO B 15 4.94 -21.01 -14.32
CA PRO B 15 3.81 -21.21 -15.23
C PRO B 15 4.27 -22.00 -16.44
N LYS B 16 3.35 -22.81 -16.95
CA LYS B 16 3.63 -23.58 -18.17
C LYS B 16 2.97 -23.01 -19.41
N GLU B 17 1.94 -22.18 -19.26
CA GLU B 17 1.16 -21.72 -20.42
C GLU B 17 0.52 -20.39 -20.09
N GLN B 18 0.42 -19.51 -21.09
CA GLN B 18 -0.34 -18.27 -20.94
C GLN B 18 -1.82 -18.60 -20.86
N ASP B 19 -2.54 -17.98 -19.92
CA ASP B 19 -3.98 -18.21 -19.79
C ASP B 19 -4.67 -16.88 -19.50
N PRO B 20 -4.97 -16.11 -20.55
CA PRO B 20 -5.50 -14.75 -20.33
C PRO B 20 -6.81 -14.71 -19.57
N ASN B 21 -7.77 -15.57 -19.89
CA ASN B 21 -9.06 -15.47 -19.21
C ASN B 21 -8.96 -15.94 -17.77
N ALA B 22 -8.05 -16.84 -17.43
CA ALA B 22 -7.81 -17.14 -16.02
C ALA B 22 -7.25 -15.90 -15.31
N ALA B 23 -6.33 -15.19 -15.95
CA ALA B 23 -5.80 -13.97 -15.35
C ALA B 23 -6.92 -12.95 -15.13
N ALA B 24 -7.85 -12.86 -16.08
CA ALA B 24 -8.95 -11.90 -15.97
C ALA B 24 -9.86 -12.24 -14.82
N ALA B 25 -10.04 -13.51 -14.51
CA ALA B 25 -10.85 -13.89 -13.36
C ALA B 25 -10.10 -13.66 -12.05
N VAL B 26 -8.81 -13.99 -12.01
CA VAL B 26 -8.02 -13.77 -10.80
C VAL B 26 -7.94 -12.30 -10.46
N GLN B 27 -8.08 -11.41 -11.44
CA GLN B 27 -8.15 -9.97 -11.13
C GLN B 27 -9.21 -9.64 -10.10
N ALA B 28 -10.30 -10.42 -10.01
CA ALA B 28 -11.28 -10.15 -8.96
C ALA B 28 -10.66 -10.16 -7.59
N LEU B 29 -9.65 -10.99 -7.39
CA LEU B 29 -8.98 -11.17 -6.11
C LEU B 29 -7.91 -10.13 -5.87
N LEU B 30 -7.65 -9.27 -6.85
CA LEU B 30 -6.69 -8.17 -6.70
C LEU B 30 -7.43 -6.84 -6.55
N GLY B 31 -8.15 -6.40 -7.58
CA GLY B 31 -8.74 -5.07 -7.59
C GLY B 31 -10.25 -5.02 -7.58
N GLY B 32 -10.94 -6.15 -7.41
CA GLY B 32 -12.37 -6.10 -7.21
C GLY B 32 -12.73 -5.68 -5.78
N ARG B 33 -14.05 -5.54 -5.58
CA ARG B 33 -14.58 -5.05 -4.32
C ARG B 33 -14.09 -5.85 -3.12
N PHE B 34 -13.96 -7.18 -3.25
CA PHE B 34 -13.52 -8.03 -2.16
C PHE B 34 -12.17 -8.64 -2.43
N GLY B 35 -11.36 -7.96 -3.21
CA GLY B 35 -10.00 -8.40 -3.48
C GLY B 35 -9.01 -7.91 -2.43
N GLU B 36 -7.75 -8.30 -2.64
CA GLU B 36 -6.70 -7.99 -1.67
C GLU B 36 -6.40 -6.51 -1.56
N MET B 37 -6.64 -5.72 -2.60
CA MET B 37 -6.52 -4.27 -2.44
C MET B 37 -7.51 -3.76 -1.42
N SER B 38 -8.69 -4.37 -1.33
CA SER B 38 -9.67 -3.92 -0.35
C SER B 38 -9.29 -4.34 1.06
N THR B 39 -8.88 -5.58 1.28
CA THR B 39 -8.46 -5.92 2.63
C THR B 39 -7.27 -5.06 3.06
N LEU B 40 -6.28 -4.92 2.18
CA LEU B 40 -5.14 -4.06 2.45
C LEU B 40 -5.58 -2.65 2.83
N MET B 41 -6.34 -1.99 1.98
CA MET B 41 -6.57 -0.57 2.21
CA MET B 41 -6.60 -0.57 2.19
C MET B 41 -7.55 -0.32 3.34
N ASN B 42 -8.51 -1.22 3.58
CA ASN B 42 -9.34 -1.09 4.77
C ASN B 42 -8.48 -1.11 6.02
N TYR B 43 -7.65 -2.13 6.20
CA TYR B 43 -6.90 -2.21 7.46
C TYR B 43 -5.84 -1.13 7.53
N MET B 44 -5.26 -0.74 6.40
CA MET B 44 -4.26 0.31 6.44
C MET B 44 -4.86 1.62 6.93
N TYR B 45 -5.96 2.06 6.34
CA TYR B 45 -6.56 3.32 6.75
C TYR B 45 -7.17 3.23 8.14
N GLN B 46 -7.77 2.10 8.49
CA GLN B 46 -8.24 1.94 9.86
C GLN B 46 -7.07 2.10 10.83
N SER B 47 -5.91 1.55 10.50
CA SER B 47 -4.77 1.66 11.40
C SER B 47 -4.28 3.10 11.49
N PHE B 48 -4.29 3.85 10.39
CA PHE B 48 -3.91 5.26 10.47
C PHE B 48 -4.88 6.01 11.36
N ASN B 49 -6.18 5.74 11.18
CA ASN B 49 -7.27 6.53 11.74
C ASN B 49 -7.61 6.09 13.15
N PHE B 50 -6.95 5.08 13.68
CA PHE B 50 -7.31 4.46 14.94
C PHE B 50 -7.18 5.45 16.09
N ARG B 51 -8.23 5.55 16.89
CA ARG B 51 -8.23 6.37 18.10
C ARG B 51 -8.10 5.49 19.32
N GLY B 52 -7.23 5.90 20.24
CA GLY B 52 -6.91 5.04 21.38
C GLY B 52 -5.83 4.03 21.08
N LYS B 53 -4.78 4.48 20.37
CA LYS B 53 -3.70 3.58 19.97
C LYS B 53 -2.99 2.94 21.16
N LYS B 54 -2.87 3.66 22.28
CA LYS B 54 -2.32 3.06 23.49
C LYS B 54 -3.39 2.40 24.37
N ALA B 55 -4.51 3.10 24.60
CA ALA B 55 -5.52 2.58 25.50
C ALA B 55 -6.18 1.31 24.98
N LEU B 56 -6.20 1.13 23.65
CA LEU B 56 -6.76 -0.07 23.01
C LEU B 56 -5.66 -0.80 22.25
N LYS B 57 -4.45 -0.76 22.76
CA LYS B 57 -3.27 -1.24 22.03
C LYS B 57 -3.41 -2.62 21.43
N PRO B 58 -3.92 -3.65 22.12
CA PRO B 58 -3.97 -4.97 21.47
C PRO B 58 -4.76 -4.97 20.16
N TYR B 59 -5.85 -4.20 20.11
CA TYR B 59 -6.67 -4.10 18.90
C TYR B 59 -5.98 -3.29 17.81
N TYR B 60 -5.27 -2.24 18.19
CA TYR B 60 -4.46 -1.49 17.23
C TYR B 60 -3.37 -2.36 16.64
N ASP B 61 -2.63 -3.08 17.50
CA ASP B 61 -1.56 -3.95 17.02
C ASP B 61 -2.11 -4.95 16.02
N LEU B 62 -3.29 -5.51 16.30
CA LEU B 62 -3.89 -6.50 15.42
C LEU B 62 -4.14 -5.92 14.03
N ILE B 63 -4.83 -4.78 13.97
CA ILE B 63 -5.18 -4.20 12.69
C ILE B 63 -3.95 -3.72 11.94
N ALA B 64 -3.01 -3.09 12.66
CA ALA B 64 -1.81 -2.56 12.03
C ALA B 64 -0.97 -3.67 11.45
N ASN B 65 -0.92 -4.79 12.14
CA ASN B 65 -0.11 -5.91 11.70
C ASN B 65 -0.76 -6.66 10.52
N ILE B 66 -2.06 -6.93 10.61
CA ILE B 66 -2.70 -7.62 9.49
C ILE B 66 -2.65 -6.75 8.23
N ALA B 67 -2.79 -5.42 8.37
CA ALA B 67 -2.62 -4.55 7.22
C ALA B 67 -1.29 -4.81 6.53
N THR B 68 -0.24 -5.01 7.32
CA THR B 68 1.10 -5.23 6.76
C THR B 68 1.16 -6.56 6.04
N GLU B 69 0.54 -7.61 6.58
CA GLU B 69 0.45 -8.86 5.85
C GLU B 69 -0.22 -8.67 4.49
N GLU B 70 -1.27 -7.87 4.44
CA GLU B 70 -2.01 -7.70 3.18
C GLU B 70 -1.19 -7.04 2.09
N LEU B 71 -0.15 -6.28 2.43
CA LEU B 71 0.78 -5.78 1.41
C LEU B 71 1.38 -6.92 0.65
N GLY B 72 1.79 -7.97 1.36
CA GLY B 72 2.34 -9.13 0.68
C GLY B 72 1.30 -9.93 -0.09
N HIS B 73 0.02 -9.78 0.26
CA HIS B 73 -1.04 -10.46 -0.50
C HIS B 73 -1.31 -9.78 -1.82
N ILE B 74 -1.33 -8.44 -1.89
CA ILE B 74 -1.46 -7.83 -3.23
C ILE B 74 -0.28 -8.23 -4.08
N GLU B 75 0.92 -8.32 -3.49
CA GLU B 75 2.12 -8.71 -4.20
C GLU B 75 1.98 -10.13 -4.76
N LEU B 76 1.46 -11.04 -3.96
CA LEU B 76 1.33 -12.43 -4.36
C LEU B 76 0.29 -12.59 -5.46
N VAL B 77 -0.84 -11.90 -5.35
CA VAL B 77 -1.87 -12.00 -6.39
C VAL B 77 -1.38 -11.38 -7.69
N ALA B 78 -0.69 -10.25 -7.61
CA ALA B 78 -0.13 -9.66 -8.82
C ALA B 78 0.85 -10.61 -9.48
N ALA B 79 1.72 -11.27 -8.69
CA ALA B 79 2.67 -12.23 -9.28
C ALA B 79 1.95 -13.38 -9.98
N THR B 80 0.81 -13.80 -9.42
CA THR B 80 0.03 -14.88 -10.02
C THR B 80 -0.54 -14.45 -11.36
N ILE B 81 -1.12 -13.25 -11.41
CA ILE B 81 -1.66 -12.73 -12.66
C ILE B 81 -0.55 -12.60 -13.68
N ASN B 82 0.60 -12.08 -13.26
CA ASN B 82 1.71 -11.90 -14.18
C ASN B 82 2.20 -13.24 -14.70
N SER B 83 2.17 -14.27 -13.86
CA SER B 83 2.55 -15.62 -14.29
C SER B 83 1.63 -16.14 -15.37
N LEU B 84 0.31 -15.89 -15.23
CA LEU B 84 -0.67 -16.31 -16.20
C LEU B 84 -0.57 -15.55 -17.51
N LEU B 85 0.01 -14.37 -17.50
CA LEU B 85 0.15 -13.53 -18.69
C LEU B 85 1.53 -13.63 -19.33
N ALA B 86 2.48 -14.28 -18.68
CA ALA B 86 3.87 -14.27 -19.17
C ALA B 86 4.03 -15.16 -20.40
N LYS B 87 4.64 -14.61 -21.44
CA LYS B 87 4.90 -15.38 -22.65
C LYS B 87 6.16 -16.22 -22.52
N ASN B 88 7.24 -15.63 -22.00
CA ASN B 88 8.57 -16.24 -21.94
C ASN B 88 9.13 -16.12 -20.53
N PRO B 89 8.48 -16.72 -19.55
CA PRO B 89 8.90 -16.51 -18.15
C PRO B 89 10.36 -16.85 -17.95
N GLY B 90 11.07 -15.93 -17.28
CA GLY B 90 12.48 -16.10 -16.95
C GLY B 90 13.45 -15.93 -18.10
N LYS B 91 13.00 -15.63 -19.31
CA LYS B 91 13.88 -15.47 -20.48
C LYS B 91 14.04 -13.98 -20.77
N ASP B 92 15.28 -13.48 -20.74
CA ASP B 92 15.56 -12.06 -20.86
C ASP B 92 15.44 -11.52 -22.28
N LEU B 93 15.45 -12.39 -23.30
CA LEU B 93 15.49 -11.88 -24.67
C LEU B 93 14.76 -12.83 -25.58
N GLU B 94 13.82 -12.29 -26.35
CA GLU B 94 13.19 -13.01 -27.45
C GLU B 94 13.43 -12.20 -28.72
N GLU B 95 13.84 -12.87 -29.78
CA GLU B 95 14.17 -12.18 -31.02
C GLU B 95 13.24 -12.65 -32.14
N GLY B 96 13.12 -11.78 -33.12
CA GLY B 96 12.40 -12.13 -34.33
C GLY B 96 10.92 -11.85 -34.33
N VAL B 97 10.42 -11.04 -33.42
CA VAL B 97 9.00 -10.73 -33.40
C VAL B 97 8.77 -9.54 -34.32
N ASP B 98 7.85 -9.69 -35.24
CA ASP B 98 7.55 -8.63 -36.21
C ASP B 98 6.14 -8.11 -35.96
N PRO B 99 5.96 -6.83 -35.59
CA PRO B 99 4.59 -6.33 -35.34
C PRO B 99 3.62 -6.56 -36.47
N ALA B 100 4.07 -6.53 -37.72
CA ALA B 100 3.15 -6.68 -38.84
C ALA B 100 2.62 -8.09 -38.98
N SER B 101 3.19 -9.07 -38.26
CA SER B 101 2.70 -10.44 -38.27
C SER B 101 1.57 -10.69 -37.27
N THR B 102 1.04 -9.64 -36.66
CA THR B 102 -0.09 -9.75 -35.73
C THR B 102 0.20 -10.66 -34.54
N PRO B 103 1.28 -10.41 -33.79
CA PRO B 103 1.65 -11.30 -32.70
C PRO B 103 0.70 -11.27 -31.52
N LEU B 104 -0.17 -10.26 -31.44
CA LEU B 104 -1.16 -10.18 -30.36
C LEU B 104 -2.57 -10.50 -30.88
N GLY B 105 -2.66 -11.18 -32.02
CA GLY B 105 -3.95 -11.53 -32.58
C GLY B 105 -4.89 -12.24 -31.61
N PHE B 106 -4.35 -13.13 -30.78
CA PHE B 106 -5.19 -13.86 -29.84
C PHE B 106 -5.87 -12.92 -28.86
N ALA B 107 -5.26 -11.78 -28.59
CA ALA B 107 -5.76 -10.90 -27.54
C ALA B 107 -6.98 -10.13 -27.97
N LYS B 108 -7.27 -10.11 -29.27
CA LYS B 108 -8.47 -9.46 -29.79
C LYS B 108 -9.73 -10.07 -29.18
N ASP B 109 -9.71 -11.35 -28.88
CA ASP B 109 -10.90 -12.11 -28.51
C ASP B 109 -10.98 -12.49 -27.04
N VAL B 110 -10.02 -12.11 -26.22
CA VAL B 110 -10.06 -12.46 -24.80
C VAL B 110 -10.94 -11.47 -24.06
N ARG B 111 -11.32 -11.81 -22.82
CA ARG B 111 -12.19 -10.92 -22.07
C ARG B 111 -11.53 -9.57 -21.81
N ASN B 112 -10.32 -9.58 -21.29
CA ASN B 112 -9.66 -8.37 -20.82
C ASN B 112 -8.56 -7.97 -21.81
N ALA B 113 -8.94 -7.07 -22.73
CA ALA B 113 -7.96 -6.53 -23.68
C ALA B 113 -7.05 -5.52 -23.02
N ALA B 114 -7.46 -4.91 -21.91
CA ALA B 114 -6.62 -3.91 -21.25
C ALA B 114 -5.29 -4.50 -20.79
N HIS B 115 -5.28 -5.79 -20.38
CA HIS B 115 -4.03 -6.43 -19.99
C HIS B 115 -2.96 -6.29 -21.05
N PHE B 116 -3.35 -6.23 -22.33
CA PHE B 116 -2.44 -6.23 -23.47
C PHE B 116 -2.26 -4.87 -24.12
N ILE B 117 -3.22 -3.97 -23.96
CA ILE B 117 -3.13 -2.63 -24.52
C ILE B 117 -2.59 -1.65 -23.49
N ALA B 118 -3.21 -1.58 -22.32
CA ALA B 118 -2.78 -0.62 -21.30
C ALA B 118 -1.62 -1.17 -20.50
N GLY B 119 -1.71 -2.41 -20.08
CA GLY B 119 -0.56 -3.09 -19.53
C GLY B 119 0.30 -3.69 -20.60
N GLY B 120 1.50 -4.07 -20.18
CA GLY B 120 2.40 -4.84 -21.03
C GLY B 120 2.24 -6.31 -20.75
N ALA B 121 1.03 -6.83 -20.95
CA ALA B 121 0.67 -8.17 -20.51
C ALA B 121 1.02 -8.34 -19.02
N ASN B 122 0.45 -7.46 -18.19
CA ASN B 122 0.74 -7.45 -16.77
C ASN B 122 -0.51 -7.04 -15.98
N SER B 123 -0.42 -7.24 -14.67
CA SER B 123 -1.52 -6.95 -13.76
C SER B 123 -1.89 -5.47 -13.81
N LEU B 124 -3.18 -5.22 -13.57
CA LEU B 124 -3.73 -3.87 -13.50
C LEU B 124 -4.57 -3.77 -12.22
N VAL B 125 -4.93 -2.55 -11.86
CA VAL B 125 -5.58 -2.31 -10.56
C VAL B 125 -7.10 -2.33 -10.76
N MET B 126 -7.62 -3.52 -11.03
CA MET B 126 -8.99 -3.68 -11.48
C MET B 126 -9.49 -5.08 -11.11
N GLY B 127 -10.80 -5.28 -11.24
CA GLY B 127 -11.43 -6.56 -11.02
C GLY B 127 -11.73 -7.32 -12.29
N ALA B 128 -12.59 -8.32 -12.16
CA ALA B 128 -12.83 -9.28 -13.24
C ALA B 128 -13.70 -8.75 -14.35
N MET B 129 -14.29 -7.56 -14.21
CA MET B 129 -15.03 -6.92 -15.29
C MET B 129 -14.28 -5.72 -15.87
N GLY B 130 -13.04 -5.50 -15.46
CA GLY B 130 -12.32 -4.32 -15.86
C GLY B 130 -12.60 -3.10 -15.03
N GLU B 131 -13.38 -3.26 -13.96
CA GLU B 131 -13.71 -2.14 -13.11
C GLU B 131 -12.50 -1.80 -12.26
N HIS B 132 -12.13 -0.54 -12.21
CA HIS B 132 -10.95 -0.16 -11.47
C HIS B 132 -11.23 -0.09 -9.97
N TRP B 133 -10.27 -0.50 -9.17
CA TRP B 133 -10.44 -0.46 -7.72
C TRP B 133 -10.67 0.99 -7.32
N ASN B 134 -11.53 1.19 -6.33
CA ASN B 134 -11.78 2.56 -5.92
C ASN B 134 -11.91 2.71 -4.41
N GLY B 135 -11.62 3.91 -3.97
CA GLY B 135 -11.54 4.21 -2.55
C GLY B 135 -12.81 4.04 -1.77
N GLU B 136 -13.96 3.98 -2.44
CA GLU B 136 -15.18 3.73 -1.68
C GLU B 136 -15.33 2.27 -1.29
N TYR B 137 -14.40 1.41 -1.68
CA TYR B 137 -14.35 0.06 -1.14
C TYR B 137 -13.77 0.02 0.29
N VAL B 138 -13.35 1.17 0.81
CA VAL B 138 -12.79 1.28 2.16
C VAL B 138 -13.87 1.77 3.11
N PHE B 139 -13.90 1.15 4.28
CA PHE B 139 -14.78 1.52 5.38
C PHE B 139 -13.89 1.84 6.58
N THR B 140 -13.92 3.09 7.02
CA THR B 140 -13.10 3.52 8.14
C THR B 140 -13.95 4.49 8.97
N SER B 141 -14.74 3.90 9.87
CA SER B 141 -15.75 4.67 10.60
C SER B 141 -15.22 5.31 11.87
N GLY B 142 -14.07 4.86 12.36
CA GLY B 142 -13.55 5.30 13.64
C GLY B 142 -14.13 4.58 14.84
N ASN B 143 -15.20 3.81 14.68
CA ASN B 143 -15.81 3.06 15.77
C ASN B 143 -15.24 1.64 15.75
N LEU B 144 -14.64 1.23 16.86
CA LEU B 144 -13.86 0.00 16.84
C LEU B 144 -14.73 -1.21 16.55
N ILE B 145 -15.85 -1.36 17.26
CA ILE B 145 -16.68 -2.55 17.08
C ILE B 145 -17.25 -2.60 15.66
N LEU B 146 -17.72 -1.47 15.14
CA LEU B 146 -18.28 -1.43 13.81
C LEU B 146 -17.23 -1.78 12.75
N ASP B 147 -16.03 -1.23 12.88
CA ASP B 147 -14.94 -1.56 11.95
C ASP B 147 -14.58 -3.04 12.02
N LEU B 148 -14.53 -3.61 13.22
CA LEU B 148 -14.18 -5.03 13.34
C LEU B 148 -15.26 -5.92 12.74
N LEU B 149 -16.54 -5.58 12.95
CA LEU B 149 -17.64 -6.32 12.35
C LEU B 149 -17.54 -6.26 10.83
N HIS B 150 -17.29 -5.07 10.29
CA HIS B 150 -17.03 -4.94 8.86
C HIS B 150 -15.90 -5.87 8.42
N ASN B 151 -14.79 -5.88 9.15
CA ASN B 151 -13.62 -6.63 8.73
C ASN B 151 -13.86 -8.14 8.77
N PHE B 152 -14.60 -8.61 9.76
CA PHE B 152 -14.98 -10.02 9.80
C PHE B 152 -15.79 -10.38 8.54
N PHE B 153 -16.81 -9.57 8.22
CA PHE B 153 -17.55 -9.78 6.99
C PHE B 153 -16.65 -9.71 5.76
N LEU B 154 -15.76 -8.71 5.69
CA LEU B 154 -14.91 -8.54 4.52
C LEU B 154 -14.08 -9.79 4.26
N GLU B 155 -13.51 -10.39 5.31
CA GLU B 155 -12.68 -11.58 5.11
C GLU B 155 -13.49 -12.76 4.61
N VAL B 156 -14.72 -12.94 5.11
CA VAL B 156 -15.50 -14.09 4.64
C VAL B 156 -16.12 -13.85 3.27
N ALA B 157 -16.44 -12.60 2.92
CA ALA B 157 -16.84 -12.31 1.54
C ALA B 157 -15.67 -12.52 0.59
N ALA B 158 -14.48 -12.09 0.98
CA ALA B 158 -13.30 -12.33 0.17
C ALA B 158 -13.04 -13.83 0.00
N ARG B 159 -13.25 -14.61 1.05
CA ARG B 159 -13.09 -16.06 0.95
C ARG B 159 -14.05 -16.64 -0.08
N THR B 160 -15.30 -16.15 -0.09
CA THR B 160 -16.29 -16.63 -1.04
C THR B 160 -15.84 -16.34 -2.46
N HIS B 161 -15.29 -15.15 -2.71
CA HIS B 161 -14.78 -14.87 -4.04
C HIS B 161 -13.60 -15.77 -4.40
N LYS B 162 -12.70 -16.00 -3.46
CA LYS B 162 -11.56 -16.88 -3.73
CA LYS B 162 -11.56 -16.88 -3.71
C LYS B 162 -12.03 -18.27 -4.11
N LEU B 163 -13.00 -18.82 -3.38
CA LEU B 163 -13.50 -20.17 -3.68
C LEU B 163 -14.13 -20.23 -5.05
N ARG B 164 -14.90 -19.20 -5.45
CA ARG B 164 -15.53 -19.23 -6.75
C ARG B 164 -14.51 -19.13 -7.86
N VAL B 165 -13.49 -18.29 -7.70
CA VAL B 165 -12.43 -18.23 -8.71
C VAL B 165 -11.66 -19.56 -8.78
N TYR B 166 -11.40 -20.17 -7.63
CA TYR B 166 -10.74 -21.48 -7.58
C TYR B 166 -11.49 -22.48 -8.45
N GLU B 167 -12.82 -22.41 -8.44
CA GLU B 167 -13.66 -23.33 -9.20
C GLU B 167 -13.70 -23.02 -10.68
N MET B 168 -13.14 -21.90 -11.13
CA MET B 168 -13.14 -21.50 -12.53
C MET B 168 -11.87 -21.86 -13.25
N THR B 169 -10.76 -22.08 -12.54
CA THR B 169 -9.50 -22.35 -13.20
C THR B 169 -8.79 -23.49 -12.49
N ASP B 170 -8.25 -24.43 -13.26
CA ASP B 170 -7.42 -25.48 -12.69
C ASP B 170 -5.93 -25.20 -12.86
N ASN B 171 -5.58 -23.99 -13.21
CA ASN B 171 -4.19 -23.62 -13.34
C ASN B 171 -3.45 -23.77 -12.02
N PRO B 172 -2.31 -24.49 -11.99
CA PRO B 172 -1.66 -24.75 -10.70
C PRO B 172 -1.09 -23.52 -10.03
N VAL B 173 -0.70 -22.48 -10.78
CA VAL B 173 -0.19 -21.28 -10.15
C VAL B 173 -1.29 -20.56 -9.41
N ALA B 174 -2.44 -20.44 -10.06
CA ALA B 174 -3.58 -19.80 -9.42
C ALA B 174 -4.06 -20.61 -8.21
N ARG B 175 -4.14 -21.94 -8.35
CA ARG B 175 -4.67 -22.72 -7.24
C ARG B 175 -3.71 -22.76 -6.05
N GLU B 176 -2.39 -22.71 -6.29
CA GLU B 176 -1.46 -22.66 -5.17
C GLU B 176 -1.65 -21.36 -4.37
N MET B 177 -1.75 -20.24 -5.09
CA MET B 177 -1.94 -18.96 -4.44
C MET B 177 -3.26 -18.95 -3.67
N ILE B 178 -4.32 -19.45 -4.31
CA ILE B 178 -5.63 -19.43 -3.65
C ILE B 178 -5.62 -20.32 -2.43
N GLY B 179 -5.02 -21.51 -2.52
CA GLY B 179 -4.96 -22.40 -1.37
C GLY B 179 -4.28 -21.74 -0.17
N TYR B 180 -3.17 -21.06 -0.43
CA TYR B 180 -2.45 -20.40 0.65
C TYR B 180 -3.28 -19.25 1.22
N LEU B 181 -3.87 -18.43 0.37
CA LEU B 181 -4.65 -17.30 0.86
C LEU B 181 -5.94 -17.72 1.52
N LEU B 182 -6.52 -18.88 1.18
CA LEU B 182 -7.64 -19.40 1.98
C LEU B 182 -7.21 -19.63 3.41
N VAL B 183 -6.03 -20.21 3.62
CA VAL B 183 -5.54 -20.46 4.97
C VAL B 183 -5.29 -19.14 5.69
N ARG B 184 -4.63 -18.19 5.01
CA ARG B 184 -4.35 -16.91 5.65
C ARG B 184 -5.63 -16.13 5.92
N GLY B 185 -6.61 -16.22 5.02
CA GLY B 185 -7.86 -15.54 5.27
C GLY B 185 -8.62 -16.14 6.43
N GLY B 186 -8.48 -17.44 6.62
CA GLY B 186 -9.08 -18.07 7.79
C GLY B 186 -8.47 -17.55 9.07
N VAL B 187 -7.16 -17.34 9.07
CA VAL B 187 -6.49 -16.74 10.22
C VAL B 187 -7.05 -15.35 10.48
N HIS B 188 -7.18 -14.54 9.44
CA HIS B 188 -7.67 -13.18 9.63
C HIS B 188 -9.11 -13.15 10.11
N ALA B 189 -9.98 -13.98 9.52
CA ALA B 189 -11.36 -14.01 10.00
C ALA B 189 -11.43 -14.46 11.44
N ALA B 190 -10.63 -15.48 11.80
CA ALA B 190 -10.59 -15.93 13.18
C ALA B 190 -10.07 -14.87 14.12
N ALA B 191 -9.07 -14.10 13.69
CA ALA B 191 -8.51 -13.07 14.54
C ALA B 191 -9.51 -11.97 14.81
N TYR B 192 -10.20 -11.51 13.76
CA TYR B 192 -11.23 -10.50 13.95
C TYR B 192 -12.39 -11.06 14.76
N GLY B 193 -12.74 -12.33 14.55
CA GLY B 193 -13.76 -12.95 15.38
C GLY B 193 -13.38 -13.00 16.83
N LYS B 194 -12.14 -13.39 17.13
CA LYS B 194 -11.67 -13.41 18.52
C LYS B 194 -11.69 -12.00 19.12
N ALA B 195 -11.31 -11.00 18.33
CA ALA B 195 -11.35 -9.63 18.83
C ALA B 195 -12.78 -9.23 19.19
N LEU B 196 -13.73 -9.56 18.31
CA LEU B 196 -15.13 -9.25 18.60
C LEU B 196 -15.63 -10.02 19.82
N GLU B 197 -15.23 -11.28 19.97
CA GLU B 197 -15.60 -12.05 21.17
C GLU B 197 -15.15 -11.34 22.43
N SER B 198 -13.90 -10.87 22.44
CA SER B 198 -13.36 -10.21 23.62
C SER B 198 -14.11 -8.92 23.97
N LEU B 199 -14.63 -8.20 22.98
CA LEU B 199 -15.25 -6.91 23.23
C LEU B 199 -16.75 -7.01 23.49
N THR B 200 -17.41 -8.05 22.96
CA THR B 200 -18.88 -8.13 22.99
C THR B 200 -19.43 -9.37 23.66
N GLY B 201 -18.62 -10.43 23.87
CA GLY B 201 -19.11 -11.69 24.38
C GLY B 201 -19.87 -12.53 23.39
N VAL B 202 -19.96 -12.09 22.13
CA VAL B 202 -20.66 -12.87 21.10
C VAL B 202 -19.63 -13.78 20.43
N GLU B 203 -19.98 -15.06 20.30
CA GLU B 203 -19.01 -16.09 19.87
C GLU B 203 -18.92 -16.14 18.34
N MET B 204 -18.33 -15.09 17.77
CA MET B 204 -18.30 -14.92 16.33
C MET B 204 -17.59 -16.07 15.64
N THR B 205 -16.56 -16.66 16.25
CA THR B 205 -15.84 -17.71 15.55
C THR B 205 -16.67 -18.96 15.36
N LYS B 206 -17.74 -19.12 16.13
CA LYS B 206 -18.63 -20.29 15.94
C LYS B 206 -19.43 -20.19 14.66
N MET B 207 -19.46 -19.04 14.02
CA MET B 207 -20.11 -18.89 12.72
C MET B 207 -19.27 -19.46 11.58
N LEU B 208 -17.99 -19.64 11.78
CA LEU B 208 -17.12 -20.09 10.71
C LEU B 208 -17.23 -21.60 10.55
N PRO B 209 -17.03 -22.13 9.34
CA PRO B 209 -16.65 -21.41 8.12
C PRO B 209 -17.87 -20.82 7.40
N ILE B 210 -17.63 -19.75 6.65
CA ILE B 210 -18.59 -19.19 5.70
C ILE B 210 -17.89 -19.07 4.36
N PRO B 211 -18.45 -19.58 3.25
CA PRO B 211 -19.58 -20.51 3.21
C PRO B 211 -19.24 -21.80 3.96
N LYS B 212 -20.24 -22.67 4.10
CA LYS B 212 -20.11 -23.87 4.94
C LYS B 212 -19.42 -24.97 4.15
N ILE B 213 -18.13 -24.76 3.94
CA ILE B 213 -17.21 -25.73 3.33
C ILE B 213 -15.89 -25.50 4.01
N ASP B 214 -15.23 -26.57 4.47
CA ASP B 214 -14.00 -26.43 5.25
C ASP B 214 -12.82 -26.24 4.30
N ASN B 215 -11.85 -25.42 4.74
CA ASN B 215 -10.62 -25.27 3.95
C ASN B 215 -9.95 -26.61 3.69
N SER B 216 -10.07 -27.57 4.61
CA SER B 216 -9.42 -28.87 4.42
C SER B 216 -9.96 -29.64 3.21
N LYS B 217 -11.10 -29.26 2.64
CA LYS B 217 -11.61 -29.89 1.43
C LYS B 217 -11.00 -29.34 0.16
N ILE B 218 -10.19 -28.29 0.24
CA ILE B 218 -9.48 -27.74 -0.91
C ILE B 218 -8.06 -28.28 -0.83
N PRO B 219 -7.62 -29.10 -1.79
CA PRO B 219 -6.31 -29.78 -1.59
C PRO B 219 -5.15 -28.83 -1.36
N GLU B 220 -5.08 -27.71 -2.08
CA GLU B 220 -3.96 -26.79 -1.92
C GLU B 220 -3.99 -26.06 -0.59
N ALA B 221 -5.17 -25.83 -0.02
CA ALA B 221 -5.24 -25.28 1.34
C ALA B 221 -4.84 -26.33 2.38
N LYS B 222 -5.34 -27.55 2.24
CA LYS B 222 -4.97 -28.63 3.16
C LYS B 222 -3.46 -28.81 3.22
N LYS B 223 -2.77 -28.70 2.09
CA LYS B 223 -1.30 -28.79 2.09
C LYS B 223 -0.68 -27.83 3.08
N TYR B 224 -1.16 -26.58 3.10
CA TYR B 224 -0.59 -25.58 3.99
C TYR B 224 -1.02 -25.75 5.43
N MET B 225 -2.21 -26.29 5.67
CA MET B 225 -2.63 -26.61 7.03
C MET B 225 -1.82 -27.75 7.59
N ASP B 226 -1.45 -28.72 6.75
CA ASP B 226 -0.61 -29.82 7.21
C ASP B 226 0.74 -29.32 7.66
N LEU B 227 1.21 -28.19 7.15
CA LEU B 227 2.46 -27.59 7.61
C LEU B 227 2.26 -26.65 8.81
N GLY B 228 1.01 -26.46 9.27
CA GLY B 228 0.70 -25.65 10.44
C GLY B 228 0.41 -24.18 10.20
N PHE B 229 0.28 -23.74 8.94
CA PHE B 229 0.20 -22.30 8.68
C PHE B 229 -1.11 -21.66 9.10
N HIS B 230 -2.15 -22.43 9.36
CA HIS B 230 -3.38 -21.86 9.89
C HIS B 230 -3.26 -21.49 11.36
N ARG B 231 -2.18 -21.86 12.04
CA ARG B 231 -2.03 -21.53 13.44
C ARG B 231 -1.27 -20.23 13.64
N ASN B 232 -0.59 -19.73 12.59
CA ASN B 232 0.43 -18.70 12.73
C ASN B 232 -0.10 -17.30 12.40
N LEU B 233 0.05 -16.40 13.33
CA LEU B 233 -0.11 -14.97 13.04
C LEU B 233 1.30 -14.42 13.09
N TYR B 234 1.87 -14.13 11.94
CA TYR B 234 3.22 -13.58 11.85
C TYR B 234 3.18 -12.11 12.22
N ARG B 235 4.16 -11.68 13.01
CA ARG B 235 4.34 -10.29 13.39
C ARG B 235 5.31 -9.66 12.40
N PHE B 236 4.78 -8.87 11.45
CA PHE B 236 5.56 -8.28 10.37
C PHE B 236 6.16 -6.94 10.79
N SER B 237 7.00 -6.98 11.82
CA SER B 237 7.58 -5.75 12.35
C SER B 237 8.87 -6.09 13.06
N PRO B 238 9.92 -5.29 12.96
CA PRO B 238 11.14 -5.57 13.77
C PRO B 238 10.88 -5.56 15.27
N GLU B 239 10.17 -4.53 15.76
CA GLU B 239 10.05 -4.32 17.20
C GLU B 239 8.65 -3.96 17.69
N ASP B 240 7.70 -3.69 16.81
CA ASP B 240 6.41 -3.15 17.23
C ASP B 240 5.33 -4.21 17.17
N TYR B 241 4.16 -3.82 17.68
CA TYR B 241 2.93 -4.61 17.63
C TYR B 241 3.06 -5.93 18.40
N ARG B 242 3.65 -5.84 19.60
CA ARG B 242 4.00 -7.03 20.35
C ARG B 242 2.87 -7.62 21.17
N ASP B 243 1.72 -6.98 21.23
CA ASP B 243 0.62 -7.45 22.07
C ASP B 243 -0.44 -8.24 21.29
N LEU B 244 -0.06 -8.77 20.12
CA LEU B 244 -0.96 -9.58 19.31
C LEU B 244 -1.50 -10.76 20.07
N GLY B 245 -0.64 -11.40 20.86
CA GLY B 245 -1.01 -12.63 21.54
C GLY B 245 -2.04 -12.47 22.62
N LEU B 246 -2.42 -11.24 22.97
CA LEU B 246 -3.52 -11.06 23.90
C LEU B 246 -4.87 -11.37 23.26
N ILE B 247 -4.95 -11.30 21.93
CA ILE B 247 -6.15 -11.66 21.19
C ILE B 247 -5.96 -12.96 20.43
N TRP B 248 -4.82 -13.12 19.77
CA TRP B 248 -4.52 -14.32 18.99
C TRP B 248 -3.97 -15.36 19.95
N LYS B 249 -4.92 -16.06 20.55
CA LYS B 249 -4.65 -17.13 21.50
C LYS B 249 -5.83 -18.08 21.46
N GLY B 250 -5.68 -19.23 22.12
CA GLY B 250 -6.78 -20.16 22.14
C GLY B 250 -6.85 -21.01 20.89
N ALA B 251 -8.04 -21.53 20.62
CA ALA B 251 -8.22 -22.57 19.62
C ALA B 251 -8.38 -22.01 18.21
N SER B 252 -7.81 -22.72 17.24
CA SER B 252 -8.08 -22.47 15.85
C SER B 252 -9.48 -22.97 15.47
N PRO B 253 -10.25 -22.18 14.72
CA PRO B 253 -11.55 -22.71 14.24
C PRO B 253 -11.40 -23.85 13.26
N GLU B 254 -10.22 -24.04 12.67
CA GLU B 254 -10.05 -25.09 11.67
C GLU B 254 -10.06 -26.47 12.32
N ASP B 255 -9.35 -26.64 13.43
CA ASP B 255 -9.09 -27.99 13.95
C ASP B 255 -8.95 -28.01 15.47
N GLY B 256 -9.25 -26.92 16.18
CA GLY B 256 -9.20 -26.90 17.62
C GLY B 256 -7.83 -26.80 18.25
N THR B 257 -6.76 -26.70 17.47
CA THR B 257 -5.43 -26.65 18.04
C THR B 257 -5.08 -25.21 18.47
N GLU B 258 -4.05 -25.09 19.29
CA GLU B 258 -3.68 -23.81 19.86
C GLU B 258 -2.95 -22.96 18.82
N VAL B 259 -3.37 -21.72 18.71
CA VAL B 259 -2.76 -20.79 17.76
C VAL B 259 -1.58 -20.07 18.39
N VAL B 260 -0.71 -19.55 17.53
CA VAL B 260 0.55 -18.96 17.97
C VAL B 260 0.89 -17.69 17.21
N VAL B 261 1.57 -16.77 17.90
CA VAL B 261 2.20 -15.61 17.29
C VAL B 261 3.63 -15.98 16.94
N VAL B 262 4.02 -15.77 15.69
CA VAL B 262 5.39 -15.95 15.23
C VAL B 262 6.04 -14.58 15.04
N ASP B 263 7.18 -14.35 15.68
CA ASP B 263 7.94 -13.12 15.48
C ASP B 263 8.61 -13.16 14.12
N GLY B 264 8.35 -12.16 13.31
CA GLY B 264 9.00 -12.03 12.03
C GLY B 264 8.22 -12.68 10.92
N PRO B 265 8.65 -12.42 9.70
CA PRO B 265 7.95 -12.92 8.53
C PRO B 265 8.33 -14.36 8.25
N PRO B 266 7.52 -15.05 7.44
CA PRO B 266 7.92 -16.37 6.94
C PRO B 266 9.10 -16.23 6.00
N THR B 267 9.78 -17.37 5.77
CA THR B 267 10.91 -17.41 4.86
C THR B 267 10.53 -16.90 3.49
N GLY B 268 9.42 -17.37 2.96
CA GLY B 268 8.97 -16.92 1.65
C GLY B 268 9.57 -17.67 0.49
N GLY B 269 9.39 -17.07 -0.70
CA GLY B 269 9.86 -17.62 -1.94
C GLY B 269 10.33 -16.50 -2.86
N PRO B 270 10.93 -16.87 -3.99
CA PRO B 270 11.51 -15.84 -4.87
C PRO B 270 10.44 -15.03 -5.58
N VAL B 271 10.83 -13.82 -5.94
CA VAL B 271 9.95 -12.98 -6.76
C VAL B 271 9.92 -13.53 -8.19
N PHE B 272 8.87 -13.15 -8.90
CA PHE B 272 8.63 -13.64 -10.26
C PHE B 272 9.02 -12.59 -11.29
N ASP B 273 9.60 -13.05 -12.39
CA ASP B 273 9.99 -12.19 -13.51
C ASP B 273 9.40 -12.81 -14.78
N ALA B 274 8.47 -12.11 -15.41
CA ALA B 274 7.79 -12.61 -16.59
C ALA B 274 8.67 -12.66 -17.84
N GLY B 275 9.85 -12.08 -17.80
CA GLY B 275 10.74 -12.10 -18.94
C GLY B 275 10.37 -11.12 -20.02
N HIS B 276 11.02 -11.25 -21.16
CA HIS B 276 10.82 -10.31 -22.26
C HIS B 276 9.59 -10.71 -23.06
N ASP B 277 8.77 -9.72 -23.41
CA ASP B 277 7.65 -9.89 -24.33
C ASP B 277 7.80 -8.77 -25.35
N ALA B 278 8.39 -9.09 -26.51
CA ALA B 278 8.73 -8.06 -27.48
C ALA B 278 7.49 -7.39 -28.07
N ALA B 279 6.42 -8.14 -28.32
CA ALA B 279 5.19 -7.55 -28.85
C ALA B 279 4.56 -6.56 -27.89
N GLU B 280 4.80 -6.70 -26.59
CA GLU B 280 4.34 -5.70 -25.64
C GLU B 280 5.35 -4.60 -25.41
N PHE B 281 6.52 -4.67 -26.04
CA PHE B 281 7.58 -3.68 -25.84
C PHE B 281 8.02 -3.64 -24.38
N ALA B 282 8.10 -4.81 -23.76
CA ALA B 282 8.28 -4.89 -22.30
C ALA B 282 9.41 -5.87 -21.98
N PRO B 283 10.53 -5.42 -21.41
CA PRO B 283 10.78 -4.05 -20.94
C PRO B 283 11.15 -3.07 -22.04
N GLU B 284 11.42 -3.60 -23.25
CA GLU B 284 11.64 -2.80 -24.45
C GLU B 284 11.38 -3.74 -25.62
N PHE B 285 11.20 -3.16 -26.81
CA PHE B 285 11.06 -3.99 -28.00
C PHE B 285 12.23 -4.96 -28.12
N HIS B 286 13.45 -4.43 -28.12
CA HIS B 286 14.66 -5.25 -28.06
C HIS B 286 15.48 -4.63 -26.92
N PRO B 287 15.57 -5.28 -25.77
CA PRO B 287 16.22 -4.68 -24.61
C PRO B 287 17.73 -4.86 -24.56
N GLY B 288 18.36 -5.38 -25.60
CA GLY B 288 19.80 -5.61 -25.56
C GLY B 288 20.59 -4.38 -25.14
N GLU B 289 20.33 -3.23 -25.75
CA GLU B 289 21.08 -2.03 -25.40
C GLU B 289 20.86 -1.65 -23.94
N LEU B 290 19.64 -1.81 -23.42
CA LEU B 290 19.39 -1.47 -22.02
C LEU B 290 20.16 -2.40 -21.10
N TYR B 291 20.22 -3.69 -21.43
CA TYR B 291 20.98 -4.64 -20.63
C TYR B 291 22.46 -4.26 -20.60
N GLU B 292 22.99 -3.80 -21.73
CA GLU B 292 24.39 -3.36 -21.79
C GLU B 292 24.63 -2.13 -20.93
N ILE B 293 23.71 -1.17 -20.95
CA ILE B 293 23.84 0.01 -20.10
C ILE B 293 23.85 -0.39 -18.64
N ALA B 294 22.97 -1.32 -18.24
CA ALA B 294 22.92 -1.73 -16.84
C ALA B 294 24.22 -2.40 -16.42
N LYS B 295 24.77 -3.27 -17.29
CA LYS B 295 26.03 -3.94 -16.95
C LYS B 295 27.17 -2.93 -16.79
N LYS B 296 27.20 -1.89 -17.64
CA LYS B 296 28.23 -0.87 -17.53
C LYS B 296 28.12 -0.06 -16.25
N LEU B 297 26.92 0.07 -15.67
CA LEU B 297 26.81 0.77 -14.40
C LEU B 297 27.60 0.07 -13.30
N TYR B 298 27.66 -1.26 -13.35
CA TYR B 298 28.43 -2.01 -12.36
C TYR B 298 29.92 -1.86 -12.61
N GLU B 299 30.33 -1.93 -13.88
CA GLU B 299 31.76 -1.85 -14.17
C GLU B 299 32.32 -0.51 -13.73
N LYS B 300 31.56 0.56 -13.92
CA LYS B 300 31.93 1.91 -13.47
C LYS B 300 31.87 2.04 -11.95
MN MN3 C . 7.41 10.61 -4.45
MN MN3 D . 5.59 10.89 -1.92
O O E . 5.41 11.10 -3.93
O O F . 7.65 12.32 -2.52
O O F . 7.48 11.25 -2.42
O O G . 5.82 13.09 -1.64
O O G . 6.86 13.43 -2.22
C1 EDO H . 10.05 -2.76 -16.88
O1 EDO H . 9.19 -3.89 -17.11
C2 EDO H . 9.38 -1.69 -16.02
O2 EDO H . 8.40 -1.01 -16.81
H11 EDO H . 10.92 -3.08 -16.32
H12 EDO H . 10.37 -2.32 -17.82
HO1 EDO H . 8.98 -3.95 -18.06
DO1 EDO H . 8.58 -3.71 -17.85
H21 EDO H . 10.14 -1.00 -15.67
H22 EDO H . 8.93 -2.18 -15.15
HO2 EDO H . 8.02 -0.29 -16.31
DO2 EDO H . 8.09 -0.27 -16.27
S SO4 I . 15.90 11.37 11.45
O1 SO4 I . 16.69 10.13 11.48
O2 SO4 I . 14.44 11.15 11.37
O3 SO4 I . 16.37 12.12 10.28
O4 SO4 I . 16.17 12.14 12.68
MN MN3 J . -6.97 -11.00 4.90
MN MN3 K . -5.37 -11.18 2.20
O O L . -7.25 -10.64 2.80
O O M . -5.44 -12.16 4.01
O O M . -5.99 -13.12 3.74
O O N . -6.52 -13.73 2.67
O O N . -6.08 -13.17 1.66
C1 EDO O . -10.84 2.80 16.52
O1 EDO O . -10.77 4.19 16.12
C2 EDO O . -10.78 1.91 15.27
O2 EDO O . -11.96 2.11 14.51
H11 EDO O . -11.78 2.59 17.01
H12 EDO O . -10.01 2.53 17.17
HO1 EDO O . -11.31 4.71 16.74
DO1 EDO O . -11.58 4.68 16.34
H21 EDO O . -9.89 2.17 14.69
H22 EDO O . -10.72 0.87 15.61
HO2 EDO O . -11.96 1.52 13.74
DO2 EDO O . -11.92 1.49 13.76
#